data_2H1K
#
_entry.id   2H1K
#
_cell.length_a   58.282
_cell.length_b   61.928
_cell.length_c   96.445
_cell.angle_alpha   90.00
_cell.angle_beta   90.00
_cell.angle_gamma   90.00
#
_symmetry.space_group_name_H-M   'P 21 21 21'
#
loop_
_entity.id
_entity.type
_entity.pdbx_description
1 polymer '15-mer DNA'
2 polymer '15-mer DNA'
3 polymer 'Pancreatic and duodenal homeobox 1'
4 water water
#
loop_
_entity_poly.entity_id
_entity_poly.type
_entity_poly.pdbx_seq_one_letter_code
_entity_poly.pdbx_strand_id
1 'polydeoxyribonucleotide' (DA)(DG)(DA)(DA)(DA)(DC)(DT)(DC)(DA)(DT)(DT)(DA)(DG)(DA)(DG) C,E
2 'polydeoxyribonucleotide' (DT)(DC)(DT)(DC)(DT)(DA)(DA)(DT)(DG)(DA)(DG)(DT)(DT)(DT)(DC) D,F
3 'polypeptide(L)' GSNKRTRTAYTRAQLLELEKEFLFNKYISRPRRVELAVMLNLTERHIKIWFQNRRMKWKKEED A,B
#
loop_
_chem_comp.id
_chem_comp.type
_chem_comp.name
_chem_comp.formula
DA DNA linking 2'-DEOXYADENOSINE-5'-MONOPHOSPHATE 'C10 H14 N5 O6 P'
DC DNA linking 2'-DEOXYCYTIDINE-5'-MONOPHOSPHATE 'C9 H14 N3 O7 P'
DG DNA linking 2'-DEOXYGUANOSINE-5'-MONOPHOSPHATE 'C10 H14 N5 O7 P'
DT DNA linking THYMIDINE-5'-MONOPHOSPHATE 'C10 H15 N2 O8 P'
#
# COMPACT_ATOMS: atom_id res chain seq x y z
N ARG E 5 22.86 -14.87 3.73
CA ARG E 5 23.29 -13.71 2.88
C ARG E 5 24.22 -12.80 3.69
N THR E 6 24.56 -11.65 3.12
CA THR E 6 25.44 -10.64 3.75
C THR E 6 24.54 -9.50 4.28
N ARG E 7 24.67 -8.32 3.70
CA ARG E 7 23.80 -7.20 4.04
C ARG E 7 23.97 -6.08 3.06
N THR E 8 23.00 -5.95 2.16
CA THR E 8 23.00 -4.94 1.13
C THR E 8 22.99 -3.53 1.71
N ALA E 9 23.70 -2.62 1.04
CA ALA E 9 23.74 -1.23 1.47
C ALA E 9 23.21 -0.38 0.32
N TYR E 10 21.96 0.01 0.45
CA TYR E 10 21.29 0.83 -0.54
C TYR E 10 21.91 2.21 -0.68
N THR E 11 22.10 2.66 -1.91
CA THR E 11 22.62 4.02 -2.14
C THR E 11 21.51 5.04 -1.88
N ARG E 12 21.90 6.31 -1.72
CA ARG E 12 20.92 7.36 -1.45
C ARG E 12 19.95 7.52 -2.62
N ALA E 13 20.38 7.18 -3.82
CA ALA E 13 19.52 7.30 -4.98
C ALA E 13 18.48 6.21 -4.90
N GLN E 14 18.91 5.00 -4.54
CA GLN E 14 18.02 3.87 -4.43
C GLN E 14 16.97 4.03 -3.33
N LEU E 15 17.32 4.63 -2.18
CA LEU E 15 16.32 4.82 -1.12
C LEU E 15 15.30 5.87 -1.56
N LEU E 16 15.74 6.98 -2.17
CA LEU E 16 14.82 8.01 -2.64
C LEU E 16 13.74 7.40 -3.49
N GLU E 17 14.11 6.50 -4.40
CA GLU E 17 13.12 5.84 -5.26
C GLU E 17 12.22 4.85 -4.49
N LEU E 18 12.80 4.05 -3.60
CA LEU E 18 12.00 3.11 -2.87
C LEU E 18 10.98 3.86 -1.99
N GLU E 19 11.39 4.93 -1.33
CA GLU E 19 10.42 5.70 -0.54
C GLU E 19 9.32 6.33 -1.45
N LYS E 20 9.66 6.79 -2.68
CA LYS E 20 8.59 7.36 -3.51
C LYS E 20 7.58 6.29 -3.86
N GLU E 21 8.08 5.12 -4.22
CA GLU E 21 7.20 4.05 -4.58
C GLU E 21 6.35 3.63 -3.38
N PHE E 22 6.91 3.77 -2.18
CA PHE E 22 6.22 3.40 -0.98
C PHE E 22 5.03 4.32 -0.72
N LEU E 23 5.19 5.65 -0.91
CA LEU E 23 4.08 6.60 -0.70
C LEU E 23 2.90 6.36 -1.63
N PHE E 24 3.20 5.85 -2.81
CA PHE E 24 2.18 5.60 -3.80
C PHE E 24 1.68 4.18 -3.68
N ASN E 25 2.45 3.33 -3.03
CA ASN E 25 2.12 1.93 -2.92
C ASN E 25 2.77 1.34 -1.69
N LYS E 26 1.95 0.74 -0.81
CA LYS E 26 2.45 0.14 0.42
C LYS E 26 2.77 -1.28 0.04
N TYR E 27 2.00 -1.83 -0.90
CA TYR E 27 2.28 -3.16 -1.43
C TYR E 27 2.57 -2.88 -2.90
N ILE E 28 3.66 -3.46 -3.41
CA ILE E 28 4.10 -3.26 -4.78
C ILE E 28 3.68 -4.45 -5.61
N SER E 29 3.15 -4.24 -6.82
CA SER E 29 2.75 -5.37 -7.65
C SER E 29 4.01 -5.90 -8.34
N ARG E 30 4.01 -7.16 -8.75
CA ARG E 30 5.20 -7.73 -9.37
C ARG E 30 5.68 -6.96 -10.61
N PRO E 31 4.76 -6.38 -11.39
CA PRO E 31 5.25 -5.67 -12.58
C PRO E 31 6.11 -4.52 -12.19
N ARG E 32 5.64 -3.81 -11.18
CA ARG E 32 6.34 -2.63 -10.70
C ARG E 32 7.62 -3.02 -9.98
N ARG E 33 7.60 -4.17 -9.30
CA ARG E 33 8.79 -4.66 -8.58
C ARG E 33 9.93 -4.96 -9.57
N VAL E 34 9.61 -5.63 -10.67
CA VAL E 34 10.61 -5.97 -11.68
C VAL E 34 11.07 -4.66 -12.35
N GLU E 35 10.13 -3.74 -12.56
CA GLU E 35 10.47 -2.46 -13.18
C GLU E 35 11.43 -1.68 -12.29
N LEU E 36 11.24 -1.77 -10.98
CA LEU E 36 12.14 -1.07 -10.06
C LEU E 36 13.48 -1.88 -9.93
N ALA E 37 13.41 -3.21 -9.92
CA ALA E 37 14.64 -4.00 -9.85
C ALA E 37 15.54 -3.65 -11.05
N VAL E 38 14.96 -3.65 -12.25
CA VAL E 38 15.76 -3.32 -13.41
C VAL E 38 16.31 -1.91 -13.32
N MET E 39 15.44 -0.95 -13.02
CA MET E 39 15.87 0.44 -12.91
C MET E 39 16.95 0.77 -11.87
N LEU E 40 16.82 0.23 -10.65
CA LEU E 40 17.81 0.52 -9.61
C LEU E 40 18.91 -0.53 -9.57
N ASN E 41 18.72 -1.61 -10.33
CA ASN E 41 19.68 -2.71 -10.35
C ASN E 41 19.83 -3.39 -8.98
N LEU E 42 18.76 -4.05 -8.58
CA LEU E 42 18.69 -4.78 -7.33
C LEU E 42 17.88 -5.98 -7.77
N THR E 43 17.79 -6.99 -6.92
CA THR E 43 17.02 -8.18 -7.23
C THR E 43 15.60 -7.94 -6.76
N GLU E 44 14.70 -8.76 -7.25
CA GLU E 44 13.33 -8.69 -6.82
C GLU E 44 13.28 -9.04 -5.33
N ARG E 45 14.21 -9.88 -4.87
CA ARG E 45 14.24 -10.29 -3.46
C ARG E 45 14.48 -9.07 -2.59
N HIS E 46 15.49 -8.29 -2.94
CA HIS E 46 15.84 -7.10 -2.17
C HIS E 46 14.63 -6.15 -2.02
N ILE E 47 13.91 -5.92 -3.12
CA ILE E 47 12.79 -5.03 -3.11
C ILE E 47 11.63 -5.61 -2.33
N LYS E 48 11.42 -6.90 -2.46
CA LYS E 48 10.34 -7.51 -1.73
C LYS E 48 10.65 -7.43 -0.23
N ILE E 49 11.90 -7.54 0.12
CA ILE E 49 12.26 -7.53 1.54
C ILE E 49 12.15 -6.10 2.06
N TRP E 50 12.65 -5.15 1.29
CA TRP E 50 12.59 -3.78 1.71
C TRP E 50 11.15 -3.32 2.03
N PHE E 51 10.17 -3.77 1.23
CA PHE E 51 8.79 -3.36 1.42
C PHE E 51 8.22 -4.00 2.65
N GLN E 52 8.63 -5.24 2.89
CA GLN E 52 8.16 -5.96 4.05
C GLN E 52 8.68 -5.27 5.32
N ASN E 53 9.95 -4.88 5.33
CA ASN E 53 10.47 -4.20 6.51
C ASN E 53 9.89 -2.78 6.56
N ARG E 54 9.68 -2.14 5.39
CA ARG E 54 9.18 -0.77 5.39
C ARG E 54 7.77 -0.71 5.99
N ARG E 55 6.94 -1.70 5.70
CA ARG E 55 5.61 -1.71 6.25
C ARG E 55 5.63 -1.96 7.77
N MET E 56 6.46 -2.92 8.23
CA MET E 56 6.51 -3.18 9.67
C MET E 56 6.95 -1.89 10.35
N LYS E 57 7.82 -1.12 9.72
CA LYS E 57 8.26 0.08 10.34
C LYS E 57 7.17 1.14 10.34
N TRP E 58 6.33 1.10 9.32
CA TRP E 58 5.29 2.11 9.18
C TRP E 58 4.15 1.94 10.20
N LYS E 59 3.78 0.71 10.50
CA LYS E 59 2.73 0.49 11.47
C LYS E 59 3.24 0.80 12.90
N LYS E 60 4.53 0.56 13.18
CA LYS E 60 5.05 0.87 14.51
C LYS E 60 5.32 2.35 14.72
N GLU E 61 5.46 3.12 13.63
CA GLU E 61 5.77 4.55 13.75
C GLU E 61 4.69 5.29 14.53
N GLU E 62 3.44 4.92 14.31
CA GLU E 62 2.30 5.55 14.99
C GLU E 62 1.11 4.59 15.08
N ASN F 3 -22.10 21.88 5.28
CA ASN F 3 -21.44 21.03 6.31
C ASN F 3 -21.77 19.56 6.08
N LYS F 4 -20.77 18.82 5.60
CA LYS F 4 -20.91 17.40 5.32
C LYS F 4 -20.21 16.56 6.40
N ARG F 5 -20.34 15.24 6.30
CA ARG F 5 -19.74 14.31 7.27
C ARG F 5 -18.33 14.65 7.75
N THR F 6 -18.08 14.33 9.01
CA THR F 6 -16.77 14.58 9.61
C THR F 6 -15.74 13.69 8.94
N ARG F 7 -14.58 14.24 8.59
CA ARG F 7 -13.53 13.45 7.95
C ARG F 7 -13.01 12.36 8.87
N THR F 8 -12.99 11.13 8.39
CA THR F 8 -12.48 10.06 9.23
C THR F 8 -10.95 10.01 9.20
N ALA F 9 -10.36 9.66 10.33
CA ALA F 9 -8.91 9.54 10.46
C ALA F 9 -8.62 8.08 10.67
N TYR F 10 -8.17 7.41 9.60
CA TYR F 10 -7.85 6.00 9.67
C TYR F 10 -6.60 5.73 10.45
N THR F 11 -6.51 4.54 11.05
CA THR F 11 -5.32 4.16 11.80
C THR F 11 -4.42 3.37 10.85
N ARG F 12 -3.12 3.40 11.14
CA ARG F 12 -2.13 2.71 10.35
C ARG F 12 -2.65 1.30 10.13
N ALA F 13 -3.17 0.67 11.17
CA ALA F 13 -3.66 -0.70 11.05
C ALA F 13 -4.79 -0.85 10.01
N GLN F 14 -5.78 0.04 10.07
CA GLN F 14 -6.87 -0.04 9.12
C GLN F 14 -6.36 0.15 7.69
N LEU F 15 -5.44 1.10 7.50
CA LEU F 15 -4.90 1.43 6.16
C LEU F 15 -4.10 0.27 5.53
N LEU F 16 -3.32 -0.43 6.32
CA LEU F 16 -2.59 -1.56 5.80
C LEU F 16 -3.55 -2.63 5.32
N GLU F 17 -4.62 -2.93 6.07
CA GLU F 17 -5.58 -3.96 5.64
C GLU F 17 -6.25 -3.55 4.32
N LEU F 18 -6.59 -2.28 4.20
CA LEU F 18 -7.22 -1.76 2.99
C LEU F 18 -6.19 -1.85 1.83
N GLU F 19 -4.97 -1.39 2.05
CA GLU F 19 -3.95 -1.47 1.00
C GLU F 19 -3.71 -2.93 0.63
N LYS F 20 -3.61 -3.79 1.64
CA LYS F 20 -3.41 -5.20 1.36
C LYS F 20 -4.52 -5.69 0.43
N GLU F 21 -5.75 -5.32 0.74
CA GLU F 21 -6.90 -5.76 -0.06
C GLU F 21 -6.90 -5.10 -1.42
N PHE F 22 -6.37 -3.89 -1.51
CA PHE F 22 -6.35 -3.24 -2.79
C PHE F 22 -5.36 -3.93 -3.73
N LEU F 23 -4.25 -4.44 -3.18
CA LEU F 23 -3.24 -5.15 -3.96
C LEU F 23 -3.89 -6.31 -4.68
N PHE F 24 -4.62 -7.13 -3.93
CA PHE F 24 -5.30 -8.30 -4.49
C PHE F 24 -6.49 -7.99 -5.39
N ASN F 25 -7.31 -6.98 -5.03
CA ASN F 25 -8.52 -6.65 -5.83
C ASN F 25 -8.75 -5.14 -5.94
N LYS F 26 -8.71 -4.58 -7.13
CA LYS F 26 -8.92 -3.17 -7.32
C LYS F 26 -10.40 -2.82 -7.11
N TYR F 27 -11.24 -3.86 -7.10
CA TYR F 27 -12.68 -3.73 -6.89
C TYR F 27 -13.12 -4.88 -6.00
N ILE F 28 -13.90 -4.61 -4.96
CA ILE F 28 -14.38 -5.70 -4.11
C ILE F 28 -15.89 -5.82 -4.19
N SER F 29 -16.36 -7.02 -3.91
CA SER F 29 -17.78 -7.30 -3.92
C SER F 29 -18.46 -6.64 -2.72
N ARG F 30 -19.75 -6.39 -2.88
CA ARG F 30 -20.56 -5.84 -1.80
C ARG F 30 -20.40 -6.77 -0.57
N PRO F 31 -20.38 -8.09 -0.78
CA PRO F 31 -20.21 -8.92 0.43
C PRO F 31 -18.85 -8.74 1.07
N ARG F 32 -17.81 -8.55 0.26
CA ARG F 32 -16.48 -8.34 0.84
C ARG F 32 -16.40 -6.97 1.51
N ARG F 33 -17.01 -5.99 0.88
CA ARG F 33 -17.04 -4.62 1.39
C ARG F 33 -17.54 -4.55 2.80
N VAL F 34 -18.58 -5.33 3.07
CA VAL F 34 -19.24 -5.38 4.37
C VAL F 34 -18.39 -6.14 5.37
N GLU F 35 -17.80 -7.24 4.92
CA GLU F 35 -16.95 -8.06 5.77
C GLU F 35 -15.80 -7.22 6.27
N LEU F 36 -15.31 -6.32 5.43
CA LEU F 36 -14.19 -5.48 5.85
C LEU F 36 -14.65 -4.46 6.87
N ALA F 37 -15.82 -3.89 6.63
CA ALA F 37 -16.32 -2.90 7.57
C ALA F 37 -16.44 -3.51 8.97
N VAL F 38 -16.92 -4.75 9.07
CA VAL F 38 -17.03 -5.35 10.38
C VAL F 38 -15.66 -5.66 10.96
N MET F 39 -14.78 -6.23 10.14
CA MET F 39 -13.43 -6.55 10.62
C MET F 39 -12.67 -5.30 11.08
N LEU F 40 -12.74 -4.21 10.34
CA LEU F 40 -12.04 -2.99 10.69
C LEU F 40 -12.83 -2.08 11.65
N ASN F 41 -14.04 -2.54 12.01
CA ASN F 41 -14.91 -1.78 12.90
C ASN F 41 -15.23 -0.41 12.29
N LEU F 42 -15.71 -0.45 11.05
CA LEU F 42 -16.06 0.76 10.28
C LEU F 42 -17.42 0.60 9.57
N THR F 43 -17.72 1.50 8.67
CA THR F 43 -18.97 1.44 7.91
C THR F 43 -18.76 1.12 6.43
N GLU F 44 -19.71 0.38 5.87
CA GLU F 44 -19.66 0.03 4.47
C GLU F 44 -19.38 1.29 3.66
N ARG F 45 -19.93 2.42 4.06
CA ARG F 45 -19.68 3.63 3.28
C ARG F 45 -18.18 4.04 3.28
N HIS F 46 -17.53 3.97 4.44
CA HIS F 46 -16.11 4.34 4.55
C HIS F 46 -15.35 3.55 3.51
N ILE F 47 -15.63 2.26 3.49
CA ILE F 47 -14.96 1.35 2.61
C ILE F 47 -15.25 1.56 1.15
N LYS F 48 -16.51 1.72 0.78
CA LYS F 48 -16.85 1.95 -0.61
C LYS F 48 -16.14 3.25 -1.06
N ILE F 49 -16.07 4.25 -0.18
CA ILE F 49 -15.42 5.52 -0.53
C ILE F 49 -13.89 5.37 -0.60
N TRP F 50 -13.29 4.67 0.36
CA TRP F 50 -11.85 4.48 0.33
C TRP F 50 -11.39 3.86 -1.01
N PHE F 51 -12.08 2.84 -1.50
CA PHE F 51 -11.71 2.21 -2.76
C PHE F 51 -11.91 3.10 -3.96
N GLN F 52 -12.94 3.96 -3.95
CA GLN F 52 -13.14 4.87 -5.07
C GLN F 52 -11.99 5.86 -5.12
N ASN F 53 -11.59 6.36 -3.97
CA ASN F 53 -10.49 7.33 -3.93
C ASN F 53 -9.17 6.63 -4.25
N ARG F 54 -8.96 5.43 -3.69
CA ARG F 54 -7.76 4.66 -3.97
C ARG F 54 -7.63 4.37 -5.50
N ARG F 55 -8.72 3.96 -6.17
CA ARG F 55 -8.62 3.68 -7.60
C ARG F 55 -8.28 4.96 -8.35
N MET F 56 -8.77 6.11 -7.89
CA MET F 56 -8.40 7.36 -8.57
C MET F 56 -6.93 7.67 -8.32
N LYS F 57 -6.41 7.38 -7.14
CA LYS F 57 -5.00 7.64 -6.88
C LYS F 57 -4.15 6.73 -7.78
N TRP F 58 -4.66 5.53 -8.04
CA TRP F 58 -4.03 4.54 -8.90
C TRP F 58 -4.01 4.93 -10.38
N LYS F 59 -5.20 5.21 -10.90
CA LYS F 59 -5.34 5.61 -12.29
C LYS F 59 -4.55 6.91 -12.54
N LYS F 60 -4.66 7.85 -11.60
CA LYS F 60 -3.99 9.16 -11.70
C LYS F 60 -2.48 9.07 -11.77
N GLU F 61 -1.95 7.92 -12.12
CA GLU F 61 -0.51 7.77 -12.24
C GLU F 61 -0.26 6.52 -13.06
N GLU F 62 -0.06 5.40 -12.38
CA GLU F 62 0.21 4.15 -13.07
C GLU F 62 1.55 4.31 -13.78
#